data_1T9M
#
_entry.id   1T9M
#
_cell.length_a   63.590
_cell.length_b   69.020
_cell.length_c   89.080
_cell.angle_alpha   90.00
_cell.angle_beta   90.00
_cell.angle_gamma   90.00
#
_symmetry.space_group_name_H-M   'P 21 21 21'
#
loop_
_entity.id
_entity.type
_entity.pdbx_description
1 polymer "probable pyridoxamine 5'-phosphate oxidase"
2 non-polymer 'SULFATE ION'
3 non-polymer 'FLAVIN MONONUCLEOTIDE'
4 non-polymer 'ACETIC ACID'
5 water water
#
_entity_poly.entity_id   1
_entity_poly.type   'polypeptide(L)'
_entity_poly.pdbx_seq_one_letter_code
;MGVNANISESLTGTIEAPFPEFEAPPANPMEVLRNWLERARRYGVREPRALALATVDGQGRPSTRIVVIAELGERGVVFA
THADSQKGRELAQNPWASGVLYWRESSQQIILNGRAERLPDERADAQWLSRPYQTHPMSIASRQSETLADIHALRAEARR
LAETDGPLPRPPGYCLFELCLESVEFWGNGTERLHERLRYDRDEGGWKHRYLQP
;
_entity_poly.pdbx_strand_id   A,B
#
loop_
_chem_comp.id
_chem_comp.type
_chem_comp.name
_chem_comp.formula
ACY non-polymer 'ACETIC ACID' 'C2 H4 O2'
FMN non-polymer 'FLAVIN MONONUCLEOTIDE' 'C17 H21 N4 O9 P'
SO4 non-polymer 'SULFATE ION' 'O4 S -2'
#
# COMPACT_ATOMS: atom_id res chain seq x y z
N LEU A 11 -2.22 16.14 0.10
CA LEU A 11 -3.57 15.88 0.69
C LEU A 11 -4.71 16.63 -0.05
N THR A 12 -5.54 15.87 -0.77
CA THR A 12 -6.73 16.44 -1.43
C THR A 12 -8.00 16.24 -0.59
N GLY A 13 -7.84 16.14 0.73
CA GLY A 13 -8.93 15.67 1.56
C GLY A 13 -10.18 16.56 1.57
N THR A 14 -11.19 16.16 0.81
CA THR A 14 -12.49 16.87 0.68
C THR A 14 -13.42 16.75 1.92
N ILE A 15 -13.04 15.93 2.91
CA ILE A 15 -13.82 15.74 4.15
C ILE A 15 -12.96 15.95 5.39
N GLU A 16 -13.33 16.94 6.21
CA GLU A 16 -12.66 17.07 7.49
C GLU A 16 -13.21 16.03 8.46
N ALA A 17 -12.42 15.00 8.75
CA ALA A 17 -12.95 13.90 9.52
C ALA A 17 -12.46 13.96 10.92
N PRO A 18 -13.37 13.89 11.87
CA PRO A 18 -13.03 13.81 13.28
C PRO A 18 -12.26 12.50 13.50
N PHE A 19 -11.53 12.43 14.60
CA PHE A 19 -10.89 11.20 15.04
C PHE A 19 -11.38 11.09 16.50
N PRO A 20 -12.65 10.65 16.63
CA PRO A 20 -13.31 10.60 17.92
C PRO A 20 -12.57 9.80 18.91
N GLU A 21 -11.89 8.71 18.50
CA GLU A 21 -11.24 7.82 19.49
C GLU A 21 -9.90 8.29 19.93
N PHE A 22 -9.36 9.31 19.27
CA PHE A 22 -8.00 9.74 19.58
C PHE A 22 -7.85 10.10 21.08
N GLU A 23 -8.71 10.95 21.63
CA GLU A 23 -8.61 11.43 23.02
C GLU A 23 -8.81 10.33 24.09
N ALA A 24 -9.80 9.51 23.91
CA ALA A 24 -9.93 8.37 24.84
C ALA A 24 -10.17 7.10 24.03
N PRO A 25 -9.08 6.45 23.63
CA PRO A 25 -9.14 5.28 22.72
C PRO A 25 -9.82 4.05 23.37
N PRO A 26 -10.60 3.26 22.62
CA PRO A 26 -11.01 1.93 23.10
C PRO A 26 -9.80 1.05 23.39
N ALA A 27 -9.97 0.01 24.20
CA ALA A 27 -8.86 -0.85 24.59
C ALA A 27 -8.45 -1.78 23.46
N ASN A 28 -9.38 -2.12 22.60
CA ASN A 28 -9.11 -3.08 21.54
C ASN A 28 -9.20 -2.41 20.16
N PRO A 29 -8.17 -2.53 19.34
CA PRO A 29 -8.11 -1.80 18.05
C PRO A 29 -9.18 -2.25 17.07
N MET A 30 -9.70 -3.46 17.18
CA MET A 30 -10.70 -3.91 16.23
C MET A 30 -11.93 -3.06 16.43
N GLU A 31 -12.20 -2.61 17.64
CA GLU A 31 -13.37 -1.77 17.77
C GLU A 31 -13.21 -0.44 16.95
N VAL A 32 -12.03 0.17 17.05
CA VAL A 32 -11.74 1.30 16.20
C VAL A 32 -11.77 1.00 14.73
N LEU A 33 -11.22 -0.15 14.34
CA LEU A 33 -11.29 -0.43 12.90
C LEU A 33 -12.74 -0.49 12.43
N ARG A 34 -13.61 -1.15 13.21
CA ARG A 34 -14.98 -1.29 12.75
C ARG A 34 -15.57 0.12 12.63
N ASN A 35 -15.40 0.92 13.68
CA ASN A 35 -15.95 2.31 13.64
C ASN A 35 -15.49 3.02 12.36
N TRP A 36 -14.17 2.97 12.10
CA TRP A 36 -13.57 3.71 11.00
C TRP A 36 -14.05 3.23 9.66
N LEU A 37 -14.28 1.92 9.50
CA LEU A 37 -14.78 1.39 8.26
C LEU A 37 -16.25 1.76 8.03
N GLU A 38 -17.02 1.83 9.11
CA GLU A 38 -18.43 2.17 8.98
C GLU A 38 -18.53 3.61 8.61
N ARG A 39 -17.74 4.47 9.25
CA ARG A 39 -17.74 5.89 8.89
C ARG A 39 -17.27 6.10 7.48
N ALA A 40 -16.23 5.38 7.04
CA ALA A 40 -15.75 5.53 5.68
C ALA A 40 -16.85 5.25 4.68
N ARG A 41 -17.65 4.20 4.91
CA ARG A 41 -18.73 3.96 3.95
C ARG A 41 -19.69 5.15 3.95
N ARG A 42 -20.10 5.61 5.14
CA ARG A 42 -21.08 6.73 5.18
C ARG A 42 -20.50 8.00 4.63
N TYR A 43 -19.19 8.20 4.78
CA TYR A 43 -18.53 9.36 4.09
C TYR A 43 -18.52 9.21 2.57
N GLY A 44 -18.76 8.01 2.03
CA GLY A 44 -18.64 7.85 0.60
C GLY A 44 -17.19 7.66 0.11
N VAL A 45 -16.30 7.29 1.03
CA VAL A 45 -14.93 6.95 0.64
C VAL A 45 -15.01 5.88 -0.42
N ARG A 46 -14.31 6.12 -1.51
CA ARG A 46 -14.30 5.16 -2.57
C ARG A 46 -13.35 3.97 -2.33
N GLU A 47 -13.87 2.74 -2.47
CA GLU A 47 -13.11 1.49 -2.20
C GLU A 47 -12.31 1.57 -0.88
N PRO A 48 -13.01 1.68 0.23
CA PRO A 48 -12.34 1.83 1.52
C PRO A 48 -11.69 0.51 1.96
N ARG A 49 -12.00 -0.63 1.33
CA ARG A 49 -11.38 -1.91 1.71
C ARG A 49 -10.23 -2.37 0.84
N ALA A 50 -9.72 -1.48 -0.03
CA ALA A 50 -8.61 -1.86 -0.96
C ALA A 50 -7.34 -1.76 -0.13
N LEU A 51 -6.82 -2.90 0.27
CA LEU A 51 -5.68 -2.99 1.17
C LEU A 51 -4.32 -3.17 0.42
N ALA A 52 -3.35 -2.25 0.67
CA ALA A 52 -2.08 -2.41 0.03
C ALA A 52 -1.31 -3.39 0.91
N LEU A 53 -1.17 -4.63 0.46
CA LEU A 53 -0.68 -5.67 1.35
C LEU A 53 0.78 -6.02 1.00
N ALA A 54 1.61 -6.02 2.05
CA ALA A 54 3.02 -6.37 1.92
C ALA A 54 3.26 -7.77 2.47
N THR A 55 4.05 -8.55 1.73
CA THR A 55 4.55 -9.85 2.22
C THR A 55 6.02 -9.87 1.90
N VAL A 56 6.73 -10.89 2.35
CA VAL A 56 8.23 -10.79 2.38
C VAL A 56 8.78 -12.11 1.87
N ASP A 57 9.70 -12.07 0.92
CA ASP A 57 10.31 -13.31 0.42
C ASP A 57 11.42 -13.84 1.38
N GLY A 58 12.16 -14.92 0.98
CA GLY A 58 13.03 -15.60 1.93
C GLY A 58 14.31 -14.78 2.03
N GLN A 59 14.51 -13.82 1.10
CA GLN A 59 15.67 -12.89 1.16
C GLN A 59 15.40 -11.60 1.95
N GLY A 60 14.28 -11.58 2.65
CA GLY A 60 13.81 -10.36 3.32
C GLY A 60 13.35 -9.21 2.39
N ARG A 61 13.03 -9.45 1.14
CA ARG A 61 12.62 -8.39 0.26
C ARG A 61 11.13 -8.37 0.23
N PRO A 62 10.58 -7.21 0.53
CA PRO A 62 9.10 -7.09 0.44
C PRO A 62 8.58 -7.01 -0.96
N SER A 63 7.29 -7.46 -1.14
CA SER A 63 6.54 -7.20 -2.34
C SER A 63 5.12 -6.65 -1.93
N THR A 64 4.49 -5.90 -2.82
CA THR A 64 3.19 -5.35 -2.43
C THR A 64 2.18 -5.52 -3.59
N ARG A 65 0.87 -5.41 -3.24
CA ARG A 65 -0.20 -5.32 -4.26
C ARG A 65 -1.47 -4.99 -3.52
N ILE A 66 -2.54 -4.67 -4.26
CA ILE A 66 -3.83 -4.49 -3.61
C ILE A 66 -4.61 -5.84 -3.51
N VAL A 67 -5.24 -6.03 -2.35
CA VAL A 67 -6.23 -7.10 -2.17
C VAL A 67 -7.34 -6.46 -1.40
N VAL A 68 -8.54 -7.02 -1.51
CA VAL A 68 -9.70 -6.44 -0.84
C VAL A 68 -9.94 -7.19 0.49
N ILE A 69 -10.25 -6.43 1.54
CA ILE A 69 -10.63 -7.00 2.82
C ILE A 69 -12.04 -7.55 2.63
N ALA A 70 -12.12 -8.85 2.62
CA ALA A 70 -13.37 -9.54 2.30
C ALA A 70 -14.27 -9.61 3.50
N GLU A 71 -13.67 -9.71 4.69
CA GLU A 71 -14.40 -9.90 5.96
C GLU A 71 -13.57 -9.30 7.07
N LEU A 72 -14.23 -8.82 8.11
CA LEU A 72 -13.55 -8.62 9.40
C LEU A 72 -13.71 -9.81 10.32
N GLY A 73 -12.59 -10.46 10.69
CA GLY A 73 -12.57 -11.51 11.68
C GLY A 73 -12.67 -11.01 13.11
N GLU A 74 -12.57 -11.91 14.09
CA GLU A 74 -12.63 -11.43 15.48
C GLU A 74 -11.37 -10.66 15.87
N ARG A 75 -10.22 -11.11 15.35
CA ARG A 75 -8.88 -10.62 15.73
C ARG A 75 -8.06 -10.02 14.54
N GLY A 76 -8.72 -9.80 13.41
CA GLY A 76 -8.01 -9.37 12.21
C GLY A 76 -8.87 -9.15 10.97
N VAL A 77 -8.24 -9.15 9.81
CA VAL A 77 -8.94 -8.92 8.54
C VAL A 77 -8.69 -10.10 7.63
N VAL A 78 -9.71 -10.39 6.86
CA VAL A 78 -9.68 -11.57 5.99
C VAL A 78 -9.58 -11.10 4.56
N PHE A 79 -8.74 -11.77 3.73
CA PHE A 79 -8.78 -11.51 2.32
C PHE A 79 -8.61 -12.83 1.59
N ALA A 80 -9.10 -12.87 0.38
CA ALA A 80 -9.06 -14.09 -0.48
C ALA A 80 -7.94 -13.94 -1.51
N THR A 81 -7.21 -15.04 -1.81
CA THR A 81 -6.27 -14.97 -2.88
C THR A 81 -5.94 -16.42 -3.28
N HIS A 82 -4.92 -16.59 -4.10
CA HIS A 82 -4.47 -17.91 -4.51
C HIS A 82 -3.21 -18.30 -3.77
N ALA A 83 -3.22 -19.53 -3.26
CA ALA A 83 -2.13 -20.03 -2.45
C ALA A 83 -0.80 -20.02 -3.21
N ASP A 84 -0.78 -20.20 -4.51
CA ASP A 84 0.52 -20.29 -5.20
C ASP A 84 0.84 -19.05 -5.98
N SER A 85 0.04 -17.98 -5.74
CA SER A 85 0.44 -16.62 -6.19
C SER A 85 1.75 -16.26 -5.50
N GLN A 86 2.37 -15.13 -5.92
CA GLN A 86 3.58 -14.70 -5.19
C GLN A 86 3.31 -14.45 -3.70
N LYS A 87 2.22 -13.74 -3.42
CA LYS A 87 1.92 -13.44 -2.03
C LYS A 87 1.65 -14.65 -1.23
N GLY A 88 0.97 -15.63 -1.84
CA GLY A 88 0.69 -16.83 -1.10
C GLY A 88 1.98 -17.65 -0.89
N ARG A 89 2.91 -17.66 -1.83
CA ARG A 89 4.16 -18.45 -1.64
C ARG A 89 4.97 -17.79 -0.58
N GLU A 90 4.97 -16.45 -0.62
CA GLU A 90 5.63 -15.71 0.41
C GLU A 90 5.06 -15.89 1.82
N LEU A 91 3.75 -15.80 1.97
CA LEU A 91 3.13 -16.05 3.29
C LEU A 91 3.33 -17.49 3.86
N ALA A 92 3.42 -18.47 2.97
CA ALA A 92 3.60 -19.85 3.40
C ALA A 92 4.95 -20.01 4.11
N GLN A 93 5.95 -19.20 3.72
CA GLN A 93 7.29 -19.30 4.34
C GLN A 93 7.55 -18.24 5.39
N ASN A 94 6.81 -17.13 5.33
CA ASN A 94 6.88 -16.10 6.36
C ASN A 94 5.52 -15.49 6.53
N PRO A 95 4.77 -15.86 7.58
CA PRO A 95 3.41 -15.34 7.74
C PRO A 95 3.31 -13.84 8.11
N TRP A 96 4.41 -13.18 8.48
CA TRP A 96 4.29 -11.81 8.94
C TRP A 96 3.99 -10.90 7.74
N ALA A 97 2.99 -10.04 7.91
CA ALA A 97 2.48 -9.27 6.77
C ALA A 97 2.05 -7.91 7.31
N SER A 98 1.88 -6.95 6.38
CA SER A 98 1.44 -5.61 6.80
C SER A 98 0.60 -5.11 5.68
N GLY A 99 -0.48 -4.40 6.02
CA GLY A 99 -1.31 -3.82 5.00
C GLY A 99 -1.68 -2.37 5.41
N VAL A 100 -1.73 -1.48 4.41
CA VAL A 100 -2.26 -0.12 4.68
C VAL A 100 -3.51 0.15 3.85
N LEU A 101 -4.51 0.74 4.55
CA LEU A 101 -5.69 1.34 3.89
C LEU A 101 -5.40 2.85 3.85
N TYR A 102 -5.58 3.46 2.69
CA TYR A 102 -5.48 4.90 2.59
C TYR A 102 -6.73 5.50 1.98
N TRP A 103 -7.42 6.37 2.75
CA TRP A 103 -8.70 6.97 2.33
C TRP A 103 -8.48 8.44 2.01
N ARG A 104 -8.25 8.77 0.75
CA ARG A 104 -7.99 10.13 0.30
C ARG A 104 -9.04 11.13 0.76
N GLU A 105 -10.31 10.75 0.65
CA GLU A 105 -11.39 11.74 0.88
C GLU A 105 -11.36 12.29 2.33
N SER A 106 -11.09 11.45 3.35
CA SER A 106 -11.13 11.79 4.77
C SER A 106 -9.71 11.95 5.35
N SER A 107 -8.70 11.78 4.49
CA SER A 107 -7.29 11.91 4.90
C SER A 107 -6.99 11.03 6.09
N GLN A 108 -7.26 9.73 5.94
CA GLN A 108 -7.02 8.79 7.03
C GLN A 108 -6.24 7.63 6.47
N GLN A 109 -5.40 7.06 7.34
CA GLN A 109 -4.72 5.79 7.01
C GLN A 109 -4.84 4.81 8.15
N ILE A 110 -4.92 3.50 7.85
CA ILE A 110 -4.89 2.47 8.88
C ILE A 110 -3.78 1.48 8.45
N ILE A 111 -2.83 1.26 9.36
CA ILE A 111 -1.73 0.30 9.16
C ILE A 111 -2.03 -0.95 10.00
N LEU A 112 -2.00 -2.12 9.34
CA LEU A 112 -2.36 -3.33 9.98
C LEU A 112 -1.22 -4.28 9.90
N ASN A 113 -0.63 -4.63 11.04
CA ASN A 113 0.56 -5.56 11.03
C ASN A 113 0.22 -6.84 11.76
N GLY A 114 0.64 -7.99 11.23
CA GLY A 114 0.29 -9.21 11.95
C GLY A 114 0.80 -10.42 11.19
N ARG A 115 0.33 -11.59 11.62
CA ARG A 115 0.66 -12.77 10.87
C ARG A 115 -0.58 -13.30 10.17
N ALA A 116 -0.42 -13.73 8.94
CA ALA A 116 -1.59 -14.07 8.13
C ALA A 116 -1.61 -15.57 8.09
N GLU A 117 -2.71 -16.21 8.50
CA GLU A 117 -2.87 -17.66 8.43
C GLU A 117 -4.07 -18.09 7.63
N ARG A 118 -3.89 -19.17 6.90
CA ARG A 118 -4.91 -19.68 6.01
C ARG A 118 -6.13 -20.24 6.81
N LEU A 119 -7.36 -19.85 6.45
CA LEU A 119 -8.59 -20.36 7.08
C LEU A 119 -8.98 -21.73 6.49
N PRO A 120 -9.85 -22.49 7.16
CA PRO A 120 -10.23 -23.81 6.61
C PRO A 120 -10.88 -23.69 5.24
N ASP A 121 -10.74 -24.74 4.42
CA ASP A 121 -11.51 -24.88 3.24
C ASP A 121 -12.97 -24.44 3.31
N GLU A 122 -13.72 -24.79 4.38
CA GLU A 122 -15.17 -24.41 4.55
C GLU A 122 -15.39 -22.90 4.43
N ARG A 123 -14.53 -22.15 5.10
CA ARG A 123 -14.57 -20.70 5.08
C ARG A 123 -14.30 -20.22 3.66
N ALA A 124 -13.27 -20.75 2.99
CA ALA A 124 -12.95 -20.38 1.62
C ALA A 124 -14.10 -20.73 0.66
N ASP A 125 -14.70 -21.93 0.82
CA ASP A 125 -15.85 -22.31 -0.01
C ASP A 125 -16.98 -21.31 0.21
N ALA A 126 -17.34 -21.00 1.46
CA ALA A 126 -18.46 -20.05 1.70
C ALA A 126 -18.16 -18.73 1.03
N GLN A 127 -16.95 -18.22 1.27
CA GLN A 127 -16.59 -16.96 0.62
C GLN A 127 -16.64 -16.96 -0.93
N TRP A 128 -16.02 -17.96 -1.54
CA TRP A 128 -16.06 -18.22 -2.94
C TRP A 128 -17.50 -18.23 -3.44
N LEU A 129 -18.38 -18.98 -2.77
CA LEU A 129 -19.80 -19.05 -3.16
C LEU A 129 -20.62 -17.75 -3.00
N SER A 130 -20.12 -16.83 -2.17
CA SER A 130 -20.80 -15.55 -1.96
C SER A 130 -20.45 -14.55 -3.03
N ARG A 131 -19.45 -14.86 -3.86
CA ARG A 131 -19.01 -13.95 -4.90
C ARG A 131 -20.04 -13.96 -6.08
N PRO A 132 -20.11 -12.85 -6.83
CA PRO A 132 -20.92 -12.80 -8.04
C PRO A 132 -20.38 -13.83 -9.02
N TYR A 133 -21.26 -14.64 -9.61
CA TYR A 133 -20.78 -15.85 -10.25
C TYR A 133 -19.97 -15.60 -11.48
N GLN A 134 -20.13 -14.41 -12.05
CA GLN A 134 -19.32 -13.96 -13.19
C GLN A 134 -17.83 -13.92 -12.85
N THR A 135 -17.50 -13.98 -11.57
CA THR A 135 -16.11 -13.88 -11.14
C THR A 135 -15.48 -15.27 -11.16
N HIS A 136 -16.31 -16.30 -11.15
CA HIS A 136 -15.75 -17.66 -10.98
C HIS A 136 -14.83 -18.09 -12.17
N PRO A 137 -15.25 -17.90 -13.44
CA PRO A 137 -14.49 -18.42 -14.60
C PRO A 137 -13.00 -18.06 -14.62
N MET A 138 -12.68 -16.79 -14.44
CA MET A 138 -11.30 -16.37 -14.54
C MET A 138 -10.43 -16.88 -13.34
N SER A 139 -11.00 -16.87 -12.14
CA SER A 139 -10.31 -17.35 -10.96
C SER A 139 -10.00 -18.85 -11.09
N ILE A 140 -10.85 -19.57 -11.83
CA ILE A 140 -10.51 -20.97 -12.10
C ILE A 140 -9.48 -21.12 -13.24
N ALA A 141 -9.68 -20.43 -14.33
CA ALA A 141 -8.85 -20.65 -15.56
C ALA A 141 -7.41 -20.13 -15.34
N SER A 142 -7.29 -19.02 -14.61
CA SER A 142 -5.94 -18.41 -14.43
C SER A 142 -5.14 -19.07 -13.29
N ARG A 143 -3.84 -19.13 -13.49
CA ARG A 143 -2.89 -19.59 -12.48
C ARG A 143 -2.18 -18.34 -12.00
N GLN A 144 -2.76 -17.74 -10.99
CA GLN A 144 -2.38 -16.36 -10.62
C GLN A 144 -0.85 -16.20 -10.44
N SER A 145 -0.31 -15.23 -11.15
CA SER A 145 1.07 -14.76 -11.07
C SER A 145 2.12 -15.68 -11.73
N GLU A 146 1.70 -16.82 -12.26
CA GLU A 146 2.49 -17.48 -13.28
C GLU A 146 2.55 -16.65 -14.52
N THR A 147 3.58 -16.93 -15.31
CA THR A 147 3.78 -16.33 -16.60
C THR A 147 2.61 -16.62 -17.53
N LEU A 148 2.12 -15.57 -18.20
CA LEU A 148 0.95 -15.75 -19.07
C LEU A 148 1.49 -16.09 -20.43
N ALA A 149 1.19 -17.30 -20.91
CA ALA A 149 1.77 -17.71 -22.21
C ALA A 149 1.04 -17.09 -23.38
N ASP A 150 -0.27 -17.04 -23.28
CA ASP A 150 -1.09 -16.67 -24.42
C ASP A 150 -2.43 -16.15 -23.93
N ILE A 151 -2.59 -14.84 -24.00
CA ILE A 151 -3.83 -14.24 -23.46
C ILE A 151 -5.07 -14.76 -24.18
N HIS A 152 -5.01 -14.95 -25.50
CA HIS A 152 -6.21 -15.56 -26.17
C HIS A 152 -6.63 -16.90 -25.61
N ALA A 153 -5.64 -17.75 -25.31
CA ALA A 153 -5.99 -19.07 -24.77
C ALA A 153 -6.59 -19.00 -23.38
N LEU A 154 -6.02 -18.18 -22.51
CA LEU A 154 -6.59 -18.04 -21.20
C LEU A 154 -8.01 -17.47 -21.34
N ARG A 155 -8.19 -16.47 -22.19
CA ARG A 155 -9.50 -15.87 -22.38
C ARG A 155 -10.53 -16.96 -22.85
N ALA A 156 -10.09 -17.84 -23.73
CA ALA A 156 -10.98 -18.91 -24.25
C ALA A 156 -11.36 -19.85 -23.17
N GLU A 157 -10.39 -20.26 -22.31
CA GLU A 157 -10.73 -21.17 -21.27
C GLU A 157 -11.75 -20.56 -20.30
N ALA A 158 -11.55 -19.30 -19.88
CA ALA A 158 -12.52 -18.68 -18.96
C ALA A 158 -13.87 -18.55 -19.68
N ARG A 159 -13.88 -18.25 -20.96
CA ARG A 159 -15.17 -18.19 -21.73
C ARG A 159 -15.88 -19.56 -21.76
N ARG A 160 -15.09 -20.58 -21.98
CA ARG A 160 -15.61 -21.94 -21.86
C ARG A 160 -16.21 -22.27 -20.50
N LEU A 161 -15.49 -22.00 -19.41
CA LEU A 161 -16.05 -22.26 -18.12
C LEU A 161 -17.37 -21.52 -17.88
N ALA A 162 -17.43 -20.31 -18.37
CA ALA A 162 -18.62 -19.43 -18.20
C ALA A 162 -19.86 -19.94 -18.90
N GLU A 163 -19.70 -20.95 -19.73
CA GLU A 163 -20.84 -21.61 -20.42
C GLU A 163 -21.75 -22.34 -19.40
N THR A 164 -21.23 -22.64 -18.21
CA THR A 164 -22.01 -23.22 -17.13
C THR A 164 -22.63 -22.13 -16.27
N ASP A 165 -23.92 -22.22 -15.93
CA ASP A 165 -24.44 -21.30 -14.93
C ASP A 165 -23.73 -21.51 -13.59
N GLY A 166 -23.08 -20.47 -13.05
CA GLY A 166 -22.42 -20.63 -11.76
C GLY A 166 -23.49 -21.02 -10.77
N PRO A 167 -23.16 -21.37 -9.55
CA PRO A 167 -21.82 -21.19 -9.00
C PRO A 167 -20.94 -22.31 -9.56
N LEU A 168 -19.67 -22.02 -9.83
CA LEU A 168 -18.71 -23.04 -10.17
C LEU A 168 -17.89 -23.46 -8.94
N PRO A 169 -17.30 -24.67 -8.99
CA PRO A 169 -16.60 -25.16 -7.84
C PRO A 169 -15.36 -24.30 -7.53
N ARG A 170 -15.09 -24.14 -6.25
CA ARG A 170 -13.83 -23.47 -5.85
C ARG A 170 -12.59 -24.17 -6.45
N PRO A 171 -11.67 -23.44 -7.09
CA PRO A 171 -10.47 -24.11 -7.63
C PRO A 171 -9.45 -24.43 -6.54
N PRO A 172 -8.61 -25.48 -6.74
CA PRO A 172 -7.57 -25.79 -5.79
C PRO A 172 -6.73 -24.53 -5.61
N GLY A 173 -6.41 -24.19 -4.38
CA GLY A 173 -5.48 -23.10 -4.13
C GLY A 173 -6.22 -21.82 -3.87
N TYR A 174 -7.51 -21.73 -4.22
CA TYR A 174 -8.30 -20.54 -3.77
C TYR A 174 -8.50 -20.57 -2.26
N CYS A 175 -7.99 -19.55 -1.53
CA CYS A 175 -8.01 -19.65 -0.11
C CYS A 175 -8.24 -18.31 0.59
N LEU A 176 -8.54 -18.34 1.87
CA LEU A 176 -8.68 -17.11 2.62
C LEU A 176 -7.58 -17.06 3.64
N PHE A 177 -6.99 -15.87 3.82
CA PHE A 177 -6.01 -15.71 4.89
C PHE A 177 -6.69 -14.73 5.85
N GLU A 178 -6.46 -14.92 7.15
CA GLU A 178 -6.85 -13.94 8.14
C GLU A 178 -5.57 -13.32 8.66
N LEU A 179 -5.46 -12.00 8.55
CA LEU A 179 -4.32 -11.31 9.10
C LEU A 179 -4.64 -11.03 10.57
N CYS A 180 -4.00 -11.78 11.47
CA CYS A 180 -4.23 -11.69 12.91
C CYS A 180 -3.44 -10.56 13.46
N LEU A 181 -4.09 -9.48 13.89
CA LEU A 181 -3.30 -8.28 14.28
C LEU A 181 -2.36 -8.40 15.48
N GLU A 182 -1.12 -7.90 15.32
CA GLU A 182 -0.19 -7.75 16.40
C GLU A 182 0.07 -6.27 16.73
N SER A 183 -0.09 -5.39 15.76
CA SER A 183 0.02 -3.91 15.99
C SER A 183 -0.74 -3.19 14.88
N VAL A 184 -1.32 -2.06 15.26
CA VAL A 184 -2.20 -1.34 14.39
C VAL A 184 -1.93 0.12 14.60
N GLU A 185 -1.93 0.87 13.51
CA GLU A 185 -1.94 2.30 13.65
C GLU A 185 -3.13 2.93 12.98
N PHE A 186 -3.81 3.83 13.71
CA PHE A 186 -4.84 4.68 13.08
C PHE A 186 -4.25 6.08 12.90
N TRP A 187 -4.26 6.61 11.68
CA TRP A 187 -3.60 7.95 11.41
C TRP A 187 -4.68 8.87 10.92
N GLY A 188 -4.75 10.06 11.48
CA GLY A 188 -5.66 11.07 10.96
C GLY A 188 -4.89 12.33 10.76
N ASN A 189 -5.42 13.17 9.89
CA ASN A 189 -4.69 14.35 9.44
C ASN A 189 -4.49 15.36 10.57
N GLY A 190 -5.39 15.37 11.56
CA GLY A 190 -5.33 16.29 12.68
C GLY A 190 -5.38 17.74 12.19
N THR A 191 -4.93 18.69 13.01
CA THR A 191 -4.91 20.11 12.59
C THR A 191 -3.49 20.68 12.66
N GLU A 192 -3.17 21.64 11.80
CA GLU A 192 -1.87 22.33 11.74
C GLU A 192 -0.73 21.38 11.47
N ARG A 193 -1.03 20.38 10.63
CA ARG A 193 -0.07 19.33 10.30
C ARG A 193 0.32 18.39 11.47
N LEU A 194 -0.35 18.51 12.62
CA LEU A 194 -0.02 17.65 13.72
C LEU A 194 -0.84 16.39 13.57
N HIS A 195 -0.33 15.48 12.74
CA HIS A 195 -1.11 14.28 12.45
C HIS A 195 -1.33 13.47 13.70
N GLU A 196 -2.50 12.82 13.75
CA GLU A 196 -2.94 12.17 14.96
C GLU A 196 -2.71 10.69 14.76
N ARG A 197 -1.72 10.16 15.45
CA ARG A 197 -1.33 8.76 15.27
C ARG A 197 -1.58 7.98 16.55
N LEU A 198 -2.46 6.99 16.44
CA LEU A 198 -2.76 6.12 17.56
C LEU A 198 -2.35 4.68 17.22
N ARG A 199 -1.44 4.17 18.04
CA ARG A 199 -0.64 2.96 17.75
C ARG A 199 -0.92 1.95 18.87
N TYR A 200 -1.44 0.80 18.50
CA TYR A 200 -1.79 -0.31 19.42
C TYR A 200 -0.80 -1.43 19.18
N ASP A 201 -0.39 -2.10 20.27
CA ASP A 201 0.52 -3.25 20.22
C ASP A 201 -0.01 -4.38 21.15
N ARG A 202 0.05 -5.62 20.66
CA ARG A 202 -0.38 -6.80 21.41
C ARG A 202 0.76 -7.24 22.28
N ASP A 203 0.45 -7.35 23.56
CA ASP A 203 1.39 -7.43 24.65
C ASP A 203 1.22 -8.78 25.34
N GLU A 204 1.08 -8.67 26.65
CA GLU A 204 1.08 -9.78 27.60
C GLU A 204 -0.35 -10.17 27.81
N GLY A 205 -0.97 -9.38 28.69
CA GLY A 205 -2.41 -9.32 28.80
C GLY A 205 -2.94 -8.37 27.74
N GLY A 206 -2.63 -8.64 26.45
CA GLY A 206 -3.48 -8.20 25.35
C GLY A 206 -2.96 -6.94 24.69
N TRP A 207 -3.78 -5.89 24.64
CA TRP A 207 -3.46 -4.71 23.87
C TRP A 207 -3.00 -3.55 24.74
N LYS A 208 -2.04 -2.78 24.25
CA LYS A 208 -1.76 -1.47 24.82
C LYS A 208 -1.73 -0.40 23.68
N HIS A 209 -1.74 0.88 24.01
CA HIS A 209 -1.66 1.85 22.93
C HIS A 209 -0.86 2.99 23.44
N ARG A 210 -0.40 3.79 22.50
CA ARG A 210 0.29 5.07 22.73
C ARG A 210 0.09 5.96 21.52
N TYR A 211 0.44 7.25 21.65
CA TYR A 211 0.44 8.15 20.50
C TYR A 211 1.84 8.26 19.95
N LEU A 212 1.95 8.40 18.61
CA LEU A 212 3.22 8.64 17.94
C LEU A 212 3.24 10.06 17.35
N GLN A 213 4.44 10.59 17.28
CA GLN A 213 4.69 11.89 16.66
C GLN A 213 4.59 11.82 15.14
N PRO A 214 4.01 12.85 14.52
CA PRO A 214 3.78 12.86 13.07
C PRO A 214 5.05 12.90 12.20
N LEU B 11 -14.56 -3.28 -8.45
CA LEU B 11 -13.83 -1.99 -8.70
C LEU B 11 -14.78 -0.85 -9.08
N THR B 12 -14.36 0.37 -8.77
CA THR B 12 -15.18 1.54 -9.08
C THR B 12 -14.69 2.47 -10.22
N GLY B 13 -13.66 2.12 -10.99
CA GLY B 13 -13.22 3.01 -12.06
C GLY B 13 -14.30 3.23 -13.14
N THR B 14 -14.38 4.43 -13.69
CA THR B 14 -15.29 4.77 -14.81
C THR B 14 -14.50 5.12 -16.08
N ILE B 15 -13.17 5.08 -15.97
CA ILE B 15 -12.27 5.49 -17.04
C ILE B 15 -11.51 4.24 -17.46
N GLU B 16 -11.78 3.75 -18.67
CA GLU B 16 -11.00 2.63 -19.23
C GLU B 16 -9.71 3.20 -19.74
N ALA B 17 -8.65 2.84 -19.04
CA ALA B 17 -7.40 3.51 -19.28
C ALA B 17 -6.73 2.67 -20.32
N PRO B 18 -6.22 3.40 -21.31
CA PRO B 18 -5.43 2.81 -22.35
C PRO B 18 -4.20 2.25 -21.68
N PHE B 19 -3.82 1.14 -22.19
CA PHE B 19 -2.64 0.49 -21.70
C PHE B 19 -2.05 0.01 -23.02
N PRO B 20 -1.58 0.94 -23.88
CA PRO B 20 -1.06 0.55 -25.20
C PRO B 20 0.26 -0.08 -25.03
N GLU B 21 0.90 0.18 -23.87
CA GLU B 21 2.15 -0.50 -23.53
C GLU B 21 1.96 -2.05 -23.28
N PHE B 22 0.72 -2.52 -23.08
CA PHE B 22 0.52 -3.96 -22.87
C PHE B 22 0.90 -4.79 -24.15
N GLU B 23 0.18 -4.56 -25.25
CA GLU B 23 0.48 -5.17 -26.57
C GLU B 23 1.90 -4.83 -27.07
N ALA B 24 2.36 -3.61 -26.82
CA ALA B 24 3.70 -3.16 -27.25
C ALA B 24 4.57 -2.65 -26.13
N PRO B 25 5.22 -3.50 -25.32
CA PRO B 25 6.02 -3.02 -24.17
C PRO B 25 7.30 -2.23 -24.45
N PRO B 26 7.41 -1.00 -23.92
CA PRO B 26 8.66 -0.28 -23.99
C PRO B 26 9.76 -1.12 -23.41
N ALA B 27 10.97 -0.88 -23.87
CA ALA B 27 12.08 -1.63 -23.29
C ALA B 27 12.34 -1.31 -21.83
N ASN B 28 12.13 -0.05 -21.44
CA ASN B 28 12.49 0.45 -20.10
C ASN B 28 11.22 0.75 -19.31
N PRO B 29 11.05 0.18 -18.12
CA PRO B 29 9.80 0.40 -17.38
C PRO B 29 9.62 1.88 -16.97
N MET B 30 10.71 2.60 -16.79
CA MET B 30 10.57 4.02 -16.48
C MET B 30 9.73 4.74 -17.54
N GLU B 31 9.82 4.31 -18.80
CA GLU B 31 9.01 4.96 -19.82
C GLU B 31 7.47 4.75 -19.68
N VAL B 32 7.07 3.54 -19.27
CA VAL B 32 5.66 3.27 -18.96
C VAL B 32 5.22 4.02 -17.73
N LEU B 33 6.07 4.03 -16.69
CA LEU B 33 5.76 4.77 -15.48
C LEU B 33 5.51 6.29 -15.84
N ARG B 34 6.41 6.87 -16.65
CA ARG B 34 6.15 8.26 -17.07
C ARG B 34 4.86 8.46 -17.82
N ASN B 35 4.56 7.57 -18.78
CA ASN B 35 3.37 7.66 -19.59
C ASN B 35 2.15 7.58 -18.72
N TRP B 36 2.22 6.69 -17.69
CA TRP B 36 1.03 6.40 -16.89
C TRP B 36 0.74 7.55 -16.00
N LEU B 37 1.79 8.17 -15.44
CA LEU B 37 1.63 9.32 -14.53
C LEU B 37 1.09 10.52 -15.33
N GLU B 38 1.59 10.67 -16.54
CA GLU B 38 1.04 11.72 -17.45
C GLU B 38 -0.48 11.57 -17.66
N ARG B 39 -0.95 10.35 -17.95
CA ARG B 39 -2.39 10.16 -18.10
C ARG B 39 -3.23 10.33 -16.79
N ALA B 40 -2.64 9.89 -15.66
CA ALA B 40 -3.30 9.99 -14.43
C ALA B 40 -3.59 11.47 -14.22
N ARG B 41 -2.62 12.29 -14.60
CA ARG B 41 -2.73 13.76 -14.51
C ARG B 41 -3.92 14.26 -15.36
N ARG B 42 -3.94 13.89 -16.64
CA ARG B 42 -5.07 14.27 -17.51
C ARG B 42 -6.36 13.86 -16.83
N TYR B 43 -6.45 12.60 -16.32
CA TYR B 43 -7.72 12.05 -15.81
C TYR B 43 -8.17 12.55 -14.47
N GLY B 44 -7.39 13.41 -13.85
CA GLY B 44 -7.76 13.96 -12.56
C GLY B 44 -7.69 12.90 -11.46
N VAL B 45 -7.00 11.77 -11.70
CA VAL B 45 -6.72 10.82 -10.60
C VAL B 45 -6.35 11.56 -9.32
N ARG B 46 -7.03 11.22 -8.25
CA ARG B 46 -6.80 11.92 -7.04
C ARG B 46 -5.53 11.35 -6.36
N GLU B 47 -4.53 12.22 -6.10
CA GLU B 47 -3.25 11.85 -5.50
C GLU B 47 -2.55 10.60 -6.07
N PRO B 48 -2.17 10.69 -7.33
CA PRO B 48 -1.56 9.56 -8.02
C PRO B 48 -0.19 9.25 -7.49
N ARG B 49 0.47 10.14 -6.73
CA ARG B 49 1.83 9.79 -6.29
C ARG B 49 1.84 9.29 -4.83
N ALA B 50 0.69 8.91 -4.25
CA ALA B 50 0.63 8.41 -2.88
C ALA B 50 1.07 6.93 -2.89
N LEU B 51 2.29 6.66 -2.48
CA LEU B 51 2.81 5.31 -2.62
C LEU B 51 2.67 4.54 -1.29
N ALA B 52 2.06 3.34 -1.33
CA ALA B 52 1.99 2.51 -0.11
C ALA B 52 3.35 1.79 -0.02
N LEU B 53 4.21 2.24 0.89
CA LEU B 53 5.61 1.79 0.96
C LEU B 53 5.85 0.80 2.09
N ALA B 54 6.39 -0.38 1.70
CA ALA B 54 6.78 -1.44 2.59
C ALA B 54 8.29 -1.48 2.83
N THR B 55 8.66 -1.59 4.10
CA THR B 55 10.03 -1.86 4.56
C THR B 55 9.99 -3.06 5.46
N VAL B 56 11.17 -3.62 5.83
CA VAL B 56 11.18 -4.89 6.54
C VAL B 56 12.15 -4.80 7.73
N ASP B 57 11.70 -5.22 8.90
CA ASP B 57 12.53 -5.15 10.11
C ASP B 57 13.54 -6.31 10.15
N GLY B 58 14.32 -6.32 11.20
CA GLY B 58 15.42 -7.27 11.32
C GLY B 58 14.92 -8.69 11.51
N GLN B 59 13.64 -8.89 11.81
CA GLN B 59 13.05 -10.24 11.91
C GLN B 59 12.28 -10.70 10.72
N GLY B 60 12.35 -9.94 9.63
CA GLY B 60 11.68 -10.30 8.41
C GLY B 60 10.20 -9.87 8.46
N ARG B 61 9.84 -8.95 9.34
CA ARG B 61 8.46 -8.49 9.48
C ARG B 61 8.24 -7.14 8.79
N PRO B 62 7.34 -7.06 7.81
CA PRO B 62 7.14 -5.82 7.06
C PRO B 62 6.28 -4.84 7.84
N SER B 63 6.48 -3.58 7.45
CA SER B 63 5.65 -2.47 7.88
C SER B 63 5.26 -1.66 6.65
N THR B 64 4.16 -0.87 6.72
CA THR B 64 3.71 -0.12 5.59
C THR B 64 3.21 1.26 6.11
N ARG B 65 3.21 2.19 5.20
CA ARG B 65 2.63 3.56 5.33
C ARG B 65 2.58 4.25 3.95
N ILE B 66 1.83 5.35 3.80
CA ILE B 66 1.85 6.09 2.57
C ILE B 66 3.00 7.04 2.60
N VAL B 67 3.74 7.12 1.49
CA VAL B 67 4.67 8.29 1.35
C VAL B 67 4.44 8.85 -0.05
N VAL B 68 4.90 10.08 -0.33
CA VAL B 68 4.68 10.63 -1.66
C VAL B 68 5.88 10.50 -2.50
N ILE B 69 5.68 10.13 -3.76
CA ILE B 69 6.81 10.12 -4.70
C ILE B 69 7.17 11.58 -5.01
N ALA B 70 8.34 12.00 -4.54
CA ALA B 70 8.66 13.44 -4.68
C ALA B 70 9.32 13.74 -6.03
N GLU B 71 10.02 12.78 -6.58
CA GLU B 71 10.77 12.98 -7.85
C GLU B 71 10.84 11.61 -8.57
N LEU B 72 10.90 11.65 -9.90
CA LEU B 72 11.25 10.52 -10.77
C LEU B 72 12.68 10.72 -11.27
N GLY B 73 13.55 9.77 -10.97
CA GLY B 73 14.92 9.73 -11.48
C GLY B 73 15.01 8.85 -12.71
N GLU B 74 16.23 8.53 -13.13
CA GLU B 74 16.42 7.81 -14.35
C GLU B 74 16.17 6.36 -14.10
N ARG B 75 16.50 5.95 -12.89
CA ARG B 75 16.53 4.56 -12.53
C ARG B 75 15.59 4.21 -11.40
N GLY B 76 14.87 5.22 -10.88
CA GLY B 76 13.98 4.99 -9.77
C GLY B 76 13.07 6.13 -9.34
N VAL B 77 12.44 5.96 -8.17
CA VAL B 77 11.54 7.01 -7.69
C VAL B 77 12.09 7.48 -6.37
N VAL B 78 11.91 8.75 -6.07
CA VAL B 78 12.51 9.26 -4.85
C VAL B 78 11.40 9.70 -3.87
N PHE B 79 11.60 9.54 -2.60
CA PHE B 79 10.69 10.00 -1.53
C PHE B 79 11.47 10.57 -0.36
N ALA B 80 10.83 11.51 0.37
CA ALA B 80 11.49 12.19 1.54
C ALA B 80 10.98 11.62 2.80
N THR B 81 11.82 11.44 3.82
CA THR B 81 11.23 11.09 5.09
C THR B 81 12.28 11.47 6.18
N HIS B 82 12.07 11.00 7.39
CA HIS B 82 13.03 11.16 8.51
C HIS B 82 13.82 9.88 8.74
N ALA B 83 15.15 10.01 8.79
CA ALA B 83 16.01 8.83 8.91
C ALA B 83 15.70 7.96 10.13
N ASP B 84 15.29 8.55 11.25
CA ASP B 84 15.03 7.84 12.45
C ASP B 84 13.54 7.42 12.65
N SER B 85 12.71 7.58 11.63
CA SER B 85 11.33 7.00 11.67
C SER B 85 11.44 5.46 11.68
N GLN B 86 10.31 4.77 11.71
CA GLN B 86 10.40 3.33 11.60
C GLN B 86 10.88 2.88 10.18
N LYS B 87 10.37 3.47 9.09
CA LYS B 87 10.80 3.04 7.74
C LYS B 87 12.29 3.41 7.64
N GLY B 88 12.67 4.56 8.21
CA GLY B 88 14.09 4.92 8.08
C GLY B 88 15.05 3.94 8.79
N ARG B 89 14.72 3.55 10.02
CA ARG B 89 15.45 2.56 10.80
C ARG B 89 15.47 1.19 10.12
N GLU B 90 14.34 0.81 9.57
CA GLU B 90 14.32 -0.47 8.81
C GLU B 90 15.23 -0.41 7.56
N LEU B 91 15.06 0.61 6.75
CA LEU B 91 15.87 0.75 5.58
C LEU B 91 17.39 0.86 5.86
N ALA B 92 17.78 1.34 7.03
CA ALA B 92 19.23 1.41 7.34
C ALA B 92 19.84 -0.01 7.51
N GLN B 93 19.02 -1.00 7.90
CA GLN B 93 19.51 -2.38 8.04
C GLN B 93 19.14 -3.31 6.88
N ASN B 94 18.07 -2.98 6.15
CA ASN B 94 17.59 -3.77 5.02
C ASN B 94 17.11 -2.79 3.95
N PRO B 95 17.87 -2.57 2.90
CA PRO B 95 17.46 -1.56 1.92
C PRO B 95 16.31 -1.98 1.00
N TRP B 96 15.86 -3.23 1.10
CA TRP B 96 14.89 -3.67 0.12
C TRP B 96 13.49 -3.12 0.51
N ALA B 97 12.82 -2.59 -0.49
CA ALA B 97 11.50 -1.98 -0.29
C ALA B 97 10.58 -2.27 -1.43
N SER B 98 9.31 -2.01 -1.28
CA SER B 98 8.39 -2.18 -2.35
C SER B 98 7.28 -1.13 -2.11
N GLY B 99 6.80 -0.48 -3.18
CA GLY B 99 5.66 0.39 -3.08
C GLY B 99 4.58 0.08 -4.13
N VAL B 100 3.34 0.34 -3.76
CA VAL B 100 2.31 0.20 -4.74
C VAL B 100 1.52 1.46 -4.82
N LEU B 101 1.28 1.85 -6.06
CA LEU B 101 0.29 2.93 -6.31
C LEU B 101 -0.95 2.34 -6.85
N TYR B 102 -2.09 2.77 -6.34
CA TYR B 102 -3.37 2.26 -6.84
C TYR B 102 -4.27 3.49 -7.20
N TRP B 103 -4.71 3.54 -8.44
CA TRP B 103 -5.52 4.66 -8.98
C TRP B 103 -6.91 4.17 -9.23
N ARG B 104 -7.86 4.52 -8.33
CA ARG B 104 -9.23 3.92 -8.30
C ARG B 104 -9.98 4.32 -9.60
N GLU B 105 -9.79 5.57 -10.04
CA GLU B 105 -10.54 6.21 -11.14
C GLU B 105 -10.32 5.41 -12.42
N SER B 106 -9.08 4.96 -12.65
CA SER B 106 -8.76 4.28 -13.88
C SER B 106 -8.44 2.82 -13.68
N SER B 107 -8.63 2.29 -12.46
CA SER B 107 -8.43 0.85 -12.25
C SER B 107 -7.01 0.40 -12.64
N GLN B 108 -6.01 1.07 -12.08
CA GLN B 108 -4.65 0.79 -12.45
C GLN B 108 -3.84 0.61 -11.17
N GLN B 109 -2.90 -0.32 -11.21
CA GLN B 109 -1.99 -0.39 -10.12
C GLN B 109 -0.53 -0.43 -10.63
N ILE B 110 0.41 0.17 -9.92
CA ILE B 110 1.83 0.06 -10.30
C ILE B 110 2.59 -0.44 -9.08
N ILE B 111 3.40 -1.49 -9.25
CA ILE B 111 4.17 -2.06 -8.16
C ILE B 111 5.65 -1.83 -8.46
N LEU B 112 6.37 -1.28 -7.48
CA LEU B 112 7.78 -0.86 -7.64
C LEU B 112 8.62 -1.51 -6.60
N ASN B 113 9.60 -2.37 -6.98
CA ASN B 113 10.38 -3.18 -5.98
C ASN B 113 11.82 -2.86 -6.23
N GLY B 114 12.59 -2.71 -5.18
CA GLY B 114 13.98 -2.38 -5.41
C GLY B 114 14.65 -2.02 -4.12
N ARG B 115 15.87 -1.45 -4.19
CA ARG B 115 16.63 -1.15 -3.01
C ARG B 115 16.54 0.40 -2.85
N ALA B 116 16.27 0.89 -1.64
CA ALA B 116 16.06 2.33 -1.43
C ALA B 116 17.26 2.78 -0.67
N GLU B 117 18.00 3.76 -1.21
CA GLU B 117 19.21 4.20 -0.57
C GLU B 117 19.19 5.71 -0.47
N ARG B 118 19.87 6.19 0.55
CA ARG B 118 19.77 7.59 0.99
C ARG B 118 20.62 8.42 0.07
N LEU B 119 20.05 9.55 -0.36
CA LEU B 119 20.68 10.40 -1.33
C LEU B 119 21.58 11.43 -0.56
N PRO B 120 22.46 12.08 -1.29
CA PRO B 120 23.32 13.11 -0.67
C PRO B 120 22.50 14.20 0.03
N ASP B 121 23.01 14.67 1.17
CA ASP B 121 22.46 15.86 1.84
C ASP B 121 22.00 16.99 0.97
N GLU B 122 22.73 17.24 -0.13
CA GLU B 122 22.40 18.36 -0.99
C GLU B 122 21.10 18.18 -1.71
N ARG B 123 20.82 16.95 -2.12
CA ARG B 123 19.53 16.64 -2.73
C ARG B 123 18.42 16.91 -1.71
N ALA B 124 18.63 16.49 -0.47
CA ALA B 124 17.67 16.68 0.63
C ALA B 124 17.42 18.13 0.93
N ASP B 125 18.51 18.91 1.04
CA ASP B 125 18.38 20.37 1.19
C ASP B 125 17.57 20.96 0.11
N ALA B 126 17.84 20.57 -1.14
CA ALA B 126 17.09 21.17 -2.27
C ALA B 126 15.61 20.83 -2.21
N GLN B 127 15.32 19.55 -1.93
CA GLN B 127 13.94 19.13 -1.88
C GLN B 127 13.17 19.75 -0.68
N TRP B 128 13.80 19.75 0.50
CA TRP B 128 13.30 20.40 1.69
C TRP B 128 12.87 21.87 1.32
N LEU B 129 13.77 22.60 0.64
CA LEU B 129 13.55 24.02 0.43
C LEU B 129 12.56 24.25 -0.72
N SER B 130 12.28 23.20 -1.49
CA SER B 130 11.23 23.26 -2.47
C SER B 130 9.85 23.19 -1.90
N ARG B 131 9.72 22.76 -0.66
CA ARG B 131 8.39 22.60 -0.04
C ARG B 131 7.84 23.95 0.35
N PRO B 132 6.53 24.09 0.49
CA PRO B 132 5.96 25.36 0.96
C PRO B 132 6.52 25.51 2.40
N TYR B 133 7.00 26.70 2.78
CA TYR B 133 7.71 26.85 4.07
C TYR B 133 6.80 26.52 5.24
N GLN B 134 5.48 26.60 5.02
CA GLN B 134 4.47 26.27 6.02
C GLN B 134 4.56 24.84 6.52
N THR B 135 5.09 23.96 5.69
CA THR B 135 5.38 22.58 6.12
C THR B 135 6.61 22.42 6.99
N HIS B 136 7.49 23.40 7.07
CA HIS B 136 8.72 23.15 7.82
C HIS B 136 8.55 23.04 9.34
N PRO B 137 7.77 23.90 10.01
CA PRO B 137 7.64 23.83 11.46
C PRO B 137 7.36 22.42 11.99
N MET B 138 6.35 21.69 11.49
CA MET B 138 6.04 20.45 12.18
C MET B 138 7.10 19.41 11.87
N SER B 139 7.64 19.45 10.65
CA SER B 139 8.71 18.54 10.28
C SER B 139 10.00 18.74 11.17
N ILE B 140 10.26 19.95 11.67
CA ILE B 140 11.39 20.14 12.57
C ILE B 140 11.05 19.79 14.01
N ALA B 141 9.86 20.18 14.41
CA ALA B 141 9.44 20.03 15.80
C ALA B 141 9.17 18.56 16.18
N SER B 142 8.61 17.80 15.21
CA SER B 142 8.23 16.42 15.51
C SER B 142 9.43 15.54 15.34
N ARG B 143 9.53 14.51 16.17
CA ARG B 143 10.51 13.44 15.96
C ARG B 143 9.74 12.21 15.47
N GLN B 144 9.65 12.10 14.16
CA GLN B 144 8.67 11.25 13.47
C GLN B 144 8.69 9.82 14.02
N SER B 145 7.54 9.34 14.48
CA SER B 145 7.36 7.92 14.87
C SER B 145 7.85 7.56 16.29
N GLU B 146 8.54 8.52 16.94
CA GLU B 146 8.78 8.41 18.43
C GLU B 146 7.47 8.62 19.21
N THR B 147 7.40 8.15 20.45
CA THR B 147 6.22 8.29 21.26
C THR B 147 5.87 9.77 21.46
N LEU B 148 4.61 10.15 21.25
CA LEU B 148 4.22 11.51 21.62
C LEU B 148 3.78 11.52 23.08
N ALA B 149 4.51 12.21 23.91
CA ALA B 149 4.22 12.19 25.35
C ALA B 149 3.24 13.33 25.68
N ASP B 150 3.44 14.47 25.00
CA ASP B 150 2.54 15.64 25.18
C ASP B 150 2.23 16.35 23.86
N ILE B 151 0.97 16.30 23.43
CA ILE B 151 0.56 16.89 22.16
C ILE B 151 0.63 18.41 22.18
N HIS B 152 0.36 18.99 23.35
CA HIS B 152 0.37 20.42 23.46
C HIS B 152 1.76 20.99 23.37
N ALA B 153 2.74 20.29 23.86
CA ALA B 153 4.14 20.71 23.74
C ALA B 153 4.65 20.74 22.28
N LEU B 154 4.39 19.65 21.55
CA LEU B 154 4.64 19.61 20.13
C LEU B 154 3.95 20.72 19.40
N ARG B 155 2.66 20.95 19.66
CA ARG B 155 1.95 21.99 18.96
C ARG B 155 2.55 23.37 19.19
N ALA B 156 2.96 23.61 20.42
CA ALA B 156 3.58 24.92 20.79
C ALA B 156 4.94 25.17 20.15
N GLU B 157 5.78 24.12 20.16
CA GLU B 157 7.03 24.15 19.42
C GLU B 157 6.84 24.49 17.92
N ALA B 158 5.92 23.80 17.25
CA ALA B 158 5.63 24.12 15.87
C ALA B 158 5.08 25.55 15.69
N ARG B 159 4.19 26.00 16.57
CA ARG B 159 3.64 27.39 16.39
C ARG B 159 4.75 28.44 16.54
N ARG B 160 5.65 28.21 17.48
CA ARG B 160 6.78 29.12 17.68
C ARG B 160 7.67 29.08 16.45
N LEU B 161 7.99 27.88 15.96
CA LEU B 161 8.62 27.82 14.65
C LEU B 161 7.83 28.52 13.50
N ALA B 162 6.50 28.40 13.45
CA ALA B 162 5.75 29.06 12.36
C ALA B 162 5.83 30.63 12.44
N GLU B 163 6.27 31.14 13.59
CA GLU B 163 6.43 32.59 13.82
C GLU B 163 7.47 33.24 12.94
N THR B 164 8.47 32.47 12.50
CA THR B 164 9.49 32.99 11.58
C THR B 164 8.86 33.46 10.28
N ASP B 165 7.80 32.80 9.83
CA ASP B 165 7.06 33.17 8.63
C ASP B 165 7.95 33.17 7.37
N GLY B 166 8.71 32.08 7.25
CA GLY B 166 9.50 31.80 6.07
C GLY B 166 10.22 30.44 6.28
N PRO B 167 11.09 30.11 5.35
CA PRO B 167 11.81 28.82 5.37
C PRO B 167 12.76 28.63 6.59
N LEU B 168 12.81 27.40 7.08
CA LEU B 168 13.62 27.02 8.19
C LEU B 168 14.67 26.02 7.68
N PRO B 169 15.77 25.95 8.37
CA PRO B 169 16.85 25.03 7.99
C PRO B 169 16.38 23.55 7.99
N ARG B 170 16.90 22.75 7.06
CA ARG B 170 16.62 21.32 7.04
C ARG B 170 16.97 20.71 8.42
N PRO B 171 16.03 19.98 9.07
CA PRO B 171 16.32 19.37 10.37
C PRO B 171 17.23 18.13 10.19
N PRO B 172 18.00 17.81 11.21
CA PRO B 172 18.86 16.63 11.21
C PRO B 172 17.96 15.38 11.00
N GLY B 173 18.39 14.53 10.09
CA GLY B 173 17.62 13.33 9.85
C GLY B 173 16.60 13.48 8.71
N TYR B 174 16.23 14.70 8.31
CA TYR B 174 15.43 14.82 7.08
C TYR B 174 16.22 14.37 5.86
N CYS B 175 15.71 13.37 5.15
CA CYS B 175 16.47 12.83 4.03
C CYS B 175 15.64 12.36 2.84
N LEU B 176 16.33 12.02 1.75
CA LEU B 176 15.68 11.49 0.57
C LEU B 176 16.20 10.10 0.40
N PHE B 177 15.31 9.16 0.06
CA PHE B 177 15.77 7.85 -0.39
C PHE B 177 15.44 7.69 -1.84
N GLU B 178 16.30 7.04 -2.61
CA GLU B 178 15.88 6.71 -3.98
C GLU B 178 15.66 5.22 -4.05
N LEU B 179 14.51 4.84 -4.55
CA LEU B 179 14.19 3.43 -4.72
C LEU B 179 14.62 3.07 -6.13
N CYS B 180 15.80 2.45 -6.23
CA CYS B 180 16.32 1.91 -7.45
C CYS B 180 15.57 0.60 -7.84
N LEU B 181 14.92 0.63 -9.01
CA LEU B 181 14.02 -0.43 -9.44
C LEU B 181 14.79 -1.69 -9.81
N GLU B 182 14.38 -2.82 -9.22
CA GLU B 182 14.85 -4.15 -9.58
C GLU B 182 13.76 -4.95 -10.31
N SER B 183 12.49 -4.64 -10.03
CA SER B 183 11.40 -5.21 -10.75
C SER B 183 10.17 -4.27 -10.64
N VAL B 184 9.27 -4.32 -11.64
CA VAL B 184 8.10 -3.45 -11.66
C VAL B 184 6.94 -4.18 -12.27
N GLU B 185 5.74 -3.98 -11.76
CA GLU B 185 4.57 -4.45 -12.45
C GLU B 185 3.63 -3.33 -12.71
N PHE B 186 3.14 -3.28 -13.94
CA PHE B 186 2.03 -2.46 -14.34
C PHE B 186 0.82 -3.32 -14.49
N TRP B 187 -0.27 -2.97 -13.78
CA TRP B 187 -1.47 -3.77 -13.75
C TRP B 187 -2.65 -2.86 -14.22
N GLY B 188 -3.44 -3.42 -15.14
CA GLY B 188 -4.62 -2.77 -15.73
C GLY B 188 -5.80 -3.72 -15.55
N ASN B 189 -7.01 -3.19 -15.43
CA ASN B 189 -8.16 -4.05 -15.24
C ASN B 189 -8.45 -5.04 -16.36
N GLY B 190 -8.13 -4.67 -17.61
CA GLY B 190 -8.42 -5.50 -18.81
C GLY B 190 -9.92 -5.65 -19.06
N THR B 191 -10.33 -6.65 -19.84
CA THR B 191 -11.74 -6.96 -19.97
C THR B 191 -11.96 -8.40 -19.52
N GLU B 192 -13.20 -8.71 -19.10
CA GLU B 192 -13.61 -10.01 -18.60
C GLU B 192 -12.76 -10.50 -17.45
N ARG B 193 -12.27 -9.54 -16.62
CA ARG B 193 -11.53 -9.91 -15.43
C ARG B 193 -10.17 -10.50 -15.81
N LEU B 194 -9.82 -10.42 -17.09
CA LEU B 194 -8.48 -10.83 -17.53
C LEU B 194 -7.53 -9.68 -17.30
N HIS B 195 -7.13 -9.49 -16.03
CA HIS B 195 -6.28 -8.34 -15.81
C HIS B 195 -4.99 -8.43 -16.54
N GLU B 196 -4.48 -7.25 -16.91
CA GLU B 196 -3.34 -7.16 -17.81
C GLU B 196 -2.15 -6.75 -16.99
N ARG B 197 -1.14 -7.66 -16.90
CA ARG B 197 -0.04 -7.61 -15.95
C ARG B 197 1.23 -7.68 -16.73
N LEU B 198 1.96 -6.57 -16.72
CA LEU B 198 3.17 -6.43 -17.45
C LEU B 198 4.26 -6.29 -16.44
N ARG B 199 5.18 -7.28 -16.36
CA ARG B 199 6.10 -7.39 -15.27
C ARG B 199 7.56 -7.31 -15.83
N TYR B 200 8.35 -6.40 -15.30
CA TYR B 200 9.70 -6.17 -15.78
C TYR B 200 10.65 -6.60 -14.70
N ASP B 201 11.82 -7.14 -15.07
CA ASP B 201 12.77 -7.63 -14.10
C ASP B 201 14.16 -7.26 -14.53
N ARG B 202 15.06 -7.04 -13.57
CA ARG B 202 16.44 -6.58 -13.82
C ARG B 202 17.43 -7.54 -13.16
N ASP B 203 18.54 -7.81 -13.86
CA ASP B 203 19.69 -8.55 -13.27
C ASP B 203 20.96 -7.93 -13.90
N GLU B 204 22.16 -8.50 -13.74
CA GLU B 204 23.31 -7.76 -14.34
C GLU B 204 23.23 -7.81 -15.88
N GLY B 205 22.41 -8.72 -16.42
CA GLY B 205 22.02 -8.74 -17.83
C GLY B 205 21.17 -7.55 -18.33
N GLY B 206 20.38 -6.91 -17.43
CA GLY B 206 19.58 -5.71 -17.75
C GLY B 206 18.07 -5.97 -17.56
N TRP B 207 17.20 -5.15 -18.18
CA TRP B 207 15.70 -5.32 -18.22
C TRP B 207 15.05 -6.26 -19.25
N LYS B 208 14.30 -7.25 -18.76
CA LYS B 208 13.36 -7.98 -19.61
C LYS B 208 11.90 -7.87 -19.08
N HIS B 209 10.93 -8.18 -19.90
CA HIS B 209 9.55 -8.19 -19.42
C HIS B 209 8.84 -9.52 -19.72
N ARG B 210 7.67 -9.71 -19.12
CA ARG B 210 6.78 -10.82 -19.43
C ARG B 210 5.34 -10.47 -19.00
N TYR B 211 4.38 -11.29 -19.37
CA TYR B 211 3.04 -11.10 -18.86
C TYR B 211 2.84 -12.09 -17.72
N LEU B 212 1.96 -11.74 -16.78
CA LEU B 212 1.60 -12.63 -15.68
C LEU B 212 0.12 -12.93 -15.70
N GLN B 213 -0.28 -14.10 -15.17
CA GLN B 213 -1.71 -14.43 -15.21
C GLN B 213 -2.39 -13.72 -14.07
N PRO B 214 -3.63 -13.29 -14.25
CA PRO B 214 -4.27 -12.44 -13.24
C PRO B 214 -4.73 -13.16 -11.97
S SO4 C . -19.59 9.00 15.47
O1 SO4 C . -18.71 8.31 16.40
O2 SO4 C . -20.92 8.42 15.60
O3 SO4 C . -19.56 10.43 15.72
O4 SO4 C . -19.25 8.85 14.07
S SO4 D . -7.08 -26.92 -2.09
O1 SO4 D . -7.28 -25.48 -2.28
O2 SO4 D . -8.40 -27.50 -1.81
O3 SO4 D . -6.65 -27.55 -3.31
O4 SO4 D . -6.14 -27.22 -1.00
N1 FMN E . -5.94 -10.33 -5.92
C2 FMN E . -6.35 -11.31 -5.04
O2 FMN E . -5.79 -12.38 -5.05
N3 FMN E . -7.29 -11.09 -4.07
C4 FMN E . -7.96 -9.88 -4.07
O4 FMN E . -8.70 -9.60 -3.15
C4A FMN E . -7.60 -8.88 -4.95
N5 FMN E . -8.27 -7.68 -4.94
C5A FMN E . -7.86 -6.68 -5.79
C6 FMN E . -8.54 -5.42 -5.74
C7 FMN E . -8.13 -4.40 -6.60
C7M FMN E . -8.60 -2.96 -6.22
C8 FMN E . -7.08 -4.61 -7.54
C8M FMN E . -6.37 -3.44 -8.28
C9 FMN E . -6.44 -5.87 -7.59
C9A FMN E . -6.85 -6.89 -6.70
N10 FMN E . -6.24 -8.14 -6.79
C10 FMN E . -6.58 -9.10 -5.87
C1' FMN E . -5.10 -8.39 -7.70
C2' FMN E . -3.79 -8.21 -6.95
O2' FMN E . -3.37 -6.85 -6.88
C3' FMN E . -2.61 -8.99 -7.68
O3' FMN E . -2.47 -8.63 -9.02
C4' FMN E . -2.71 -10.51 -7.58
O4' FMN E . -3.25 -10.95 -6.34
C5' FMN E . -1.33 -11.15 -7.71
O5' FMN E . -0.51 -10.62 -6.68
P FMN E . 0.92 -11.35 -6.42
O1P FMN E . 1.78 -10.29 -5.81
O2P FMN E . 0.73 -12.55 -5.47
O3P FMN E . 1.53 -11.63 -7.79
S SO4 F . 21.85 15.10 8.81
O1 SO4 F . 20.56 14.65 8.27
O2 SO4 F . 21.60 15.31 10.23
O3 SO4 F . 22.94 14.09 8.66
O4 SO4 F . 22.30 16.31 8.10
S SO4 G . 21.85 -6.12 -0.16
O1 SO4 G . 22.33 -6.36 1.19
O2 SO4 G . 21.95 -4.68 -0.43
O3 SO4 G . 22.57 -6.86 -1.18
O4 SO4 G . 20.49 -6.60 -0.20
N1 FMN H . 5.69 10.57 5.67
C2 FMN H . 6.93 10.88 5.14
O2 FMN H . 7.92 10.70 5.86
N3 FMN H . 7.13 11.25 3.82
C4 FMN H . 6.04 11.46 3.02
O4 FMN H . 6.23 11.63 1.80
C4A FMN H . 4.75 11.24 3.56
N5 FMN H . 3.68 11.44 2.76
C5A FMN H . 2.41 11.17 3.25
C6 FMN H . 1.33 11.38 2.40
C7 FMN H . 0.05 11.06 2.84
C7M FMN H . -1.08 11.15 1.85
C8 FMN H . -0.17 10.59 4.15
C8M FMN H . -1.50 10.00 4.61
C9 FMN H . 0.92 10.41 5.00
C9A FMN H . 2.23 10.71 4.54
N10 FMN H . 3.34 10.55 5.41
C10 FMN H . 4.58 10.78 4.88
C1' FMN H . 3.27 10.05 6.81
C2' FMN H . 3.53 8.52 6.80
O2' FMN H . 2.37 7.86 6.27
C3' FMN H . 3.89 7.99 8.22
O3' FMN H . 2.86 8.40 9.08
C4' FMN H . 5.26 8.52 8.70
O4' FMN H . 6.20 8.58 7.62
C5' FMN H . 5.89 7.61 9.74
O5' FMN H . 5.98 6.28 9.08
P FMN H . 6.74 5.14 9.94
O1P FMN H . 6.27 3.84 9.42
O2P FMN H . 8.20 5.27 9.56
O3P FMN H . 6.42 5.26 11.44
C ACY I . -4.26 3.37 -1.97
O ACY I . -5.43 3.25 -1.47
OXT ACY I . -3.92 4.22 -2.90
CH3 ACY I . -3.21 2.49 -1.39
C ACY J . -11.05 8.81 -5.34
O ACY J . -10.95 8.54 -4.10
OXT ACY J . -10.36 8.25 -6.22
CH3 ACY J . -12.04 9.86 -5.83
#